data_4NAK
#
_entry.id   4NAK
#
_cell.length_a   75.240
_cell.length_b   75.240
_cell.length_c   224.140
_cell.angle_alpha   90.00
_cell.angle_beta   90.00
_cell.angle_gamma   120.00
#
_symmetry.space_group_name_H-M   'H 3 2'
#
loop_
_entity.id
_entity.type
_entity.pdbx_description
1 polymer '2-C-methyl-D-erythritol 4-phosphate cytidylyltransferase, chloroplastic'
2 non-polymer PENTABROMOPSEUDILIN
3 non-polymer 2,3-DIHYDROXY-1,4-DITHIOBUTANE
4 non-polymer 'CADMIUM ION'
5 non-polymer 'POTASSIUM ION'
6 water water
#
_entity_poly.entity_id   1
_entity_poly.type   'polypeptide(L)'
_entity_poly.pdbx_seq_one_letter_code
;MEKSVSVILLAGGQGKRMKMSMPKQYIPLLGQPIALYSFFTFSRMPEVKEIVVVCDPFFRDIFEEYEESIDVDLSFAIPG
KERQDSVYSGLQEIDVNSELVCIHDSARPLVNTEDVEKVLKDGSAVGAAVLGVPAKATIKEVNSDSLVVKTLDRKTLWEM
QTPQVIKPELLKKGFELVKSEGLEVTDDVSIVEYLKHPVYVSQGSYTNIKVTTPDDLLLAERILSEDS
;
_entity_poly.pdbx_strand_id   A
#
# COMPACT_ATOMS: atom_id res chain seq x y z
N GLU A 2 9.42 -3.93 17.39
CA GLU A 2 10.23 -2.82 16.81
C GLU A 2 11.14 -3.31 15.68
N LYS A 3 11.25 -2.50 14.64
CA LYS A 3 12.08 -2.79 13.46
C LYS A 3 11.80 -4.17 12.85
N SER A 4 10.51 -4.50 12.75
CA SER A 4 10.05 -5.79 12.22
C SER A 4 9.35 -5.64 10.88
N VAL A 5 9.01 -4.41 10.52
CA VAL A 5 8.19 -4.15 9.33
C VAL A 5 9.00 -3.54 8.21
N SER A 6 8.84 -4.08 7.01
CA SER A 6 9.38 -3.49 5.79
C SER A 6 8.26 -2.85 4.99
N VAL A 7 8.36 -1.55 4.76
CA VAL A 7 7.38 -0.85 3.94
C VAL A 7 7.80 -0.91 2.48
N ILE A 8 6.86 -1.26 1.60
CA ILE A 8 7.04 -1.11 0.16
C ILE A 8 6.19 0.08 -0.29
N LEU A 9 6.84 1.20 -0.59
CA LEU A 9 6.13 2.41 -0.98
C LEU A 9 6.05 2.54 -2.49
N LEU A 10 4.83 2.41 -3.01
CA LEU A 10 4.61 2.45 -4.46
C LEU A 10 4.51 3.89 -4.93
N ALA A 11 5.54 4.33 -5.65
CA ALA A 11 5.65 5.71 -6.13
C ALA A 11 6.18 5.80 -7.56
N GLY A 12 5.92 4.76 -8.35
CA GLY A 12 6.42 4.68 -9.73
C GLY A 12 5.31 4.65 -10.77
N GLY A 13 4.17 5.24 -10.44
CA GLY A 13 3.01 5.27 -11.33
C GLY A 13 2.80 6.63 -11.97
N PRO A 23 3.26 13.63 -12.90
CA PRO A 23 3.18 12.48 -11.98
C PRO A 23 2.37 12.83 -10.74
N LYS A 24 1.18 12.24 -10.63
CA LYS A 24 0.21 12.60 -9.60
C LYS A 24 0.73 12.52 -8.16
N GLN A 25 1.59 11.55 -7.88
CA GLN A 25 2.11 11.35 -6.53
C GLN A 25 3.27 12.28 -6.16
N TYR A 26 3.66 13.16 -7.09
CA TYR A 26 4.73 14.12 -6.82
C TYR A 26 4.27 15.58 -6.83
N ILE A 27 3.05 15.82 -7.29
CA ILE A 27 2.45 17.16 -7.22
C ILE A 27 2.27 17.56 -5.75
N PRO A 28 2.49 18.84 -5.42
CA PRO A 28 2.70 19.21 -4.02
C PRO A 28 1.42 19.33 -3.20
N LEU A 29 1.56 19.05 -1.91
CA LEU A 29 0.52 19.28 -0.93
C LEU A 29 1.16 20.15 0.14
N LEU A 30 0.70 21.40 0.25
CA LEU A 30 1.31 22.40 1.13
C LEU A 30 2.83 22.41 1.07
N GLY A 31 3.37 22.46 -0.15
CA GLY A 31 4.81 22.57 -0.39
C GLY A 31 5.60 21.29 -0.35
N GLN A 32 4.92 20.19 -0.06
CA GLN A 32 5.54 18.88 0.03
C GLN A 32 4.90 17.96 -1.00
N PRO A 33 5.72 17.31 -1.84
CA PRO A 33 5.20 16.32 -2.79
C PRO A 33 4.38 15.26 -2.06
N ILE A 34 3.22 14.91 -2.62
CA ILE A 34 2.28 13.96 -2.02
C ILE A 34 2.96 12.69 -1.49
N ALA A 35 3.90 12.14 -2.25
CA ALA A 35 4.64 10.92 -1.89
C ALA A 35 5.37 10.99 -0.53
N LEU A 36 5.81 12.18 -0.14
CA LEU A 36 6.55 12.35 1.09
C LEU A 36 5.72 12.26 2.38
N TYR A 37 4.41 12.48 2.29
CA TYR A 37 3.56 12.44 3.49
C TYR A 37 3.53 11.07 4.17
N SER A 38 3.20 10.01 3.42
CA SER A 38 3.17 8.66 4.01
C SER A 38 4.58 8.16 4.29
N PHE A 39 5.53 8.56 3.45
CA PHE A 39 6.95 8.28 3.67
C PHE A 39 7.37 8.66 5.09
N PHE A 40 7.08 9.90 5.46
CA PHE A 40 7.39 10.38 6.81
C PHE A 40 6.55 9.70 7.90
N THR A 41 5.27 9.47 7.63
CA THR A 41 4.42 8.75 8.59
C THR A 41 5.02 7.39 8.94
N PHE A 42 5.39 6.61 7.94
CA PHE A 42 6.06 5.31 8.17
C PHE A 42 7.41 5.48 8.87
N SER A 43 8.17 6.50 8.46
CA SER A 43 9.52 6.71 8.99
C SER A 43 9.55 6.92 10.51
N ARG A 44 8.48 7.49 11.07
CA ARG A 44 8.40 7.79 12.51
C ARG A 44 7.92 6.61 13.38
N MET A 45 7.43 5.54 12.76
CA MET A 45 6.91 4.40 13.51
C MET A 45 8.03 3.45 13.91
N PRO A 46 8.20 3.21 15.23
CA PRO A 46 9.26 2.34 15.73
C PRO A 46 9.25 0.93 15.13
N GLU A 47 8.05 0.43 14.77
CA GLU A 47 7.89 -0.90 14.16
C GLU A 47 8.59 -1.02 12.80
N VAL A 48 8.68 0.09 12.09
CA VAL A 48 9.20 0.08 10.72
C VAL A 48 10.74 0.04 10.71
N LYS A 49 11.28 -1.03 10.13
CA LYS A 49 12.72 -1.24 10.01
C LYS A 49 13.28 -0.46 8.82
N GLU A 50 12.51 -0.42 7.73
CA GLU A 50 12.99 0.08 6.44
C GLU A 50 11.85 0.47 5.52
N ILE A 51 12.14 1.38 4.59
CA ILE A 51 11.22 1.72 3.52
C ILE A 51 11.90 1.46 2.18
N VAL A 52 11.31 0.54 1.41
CA VAL A 52 11.73 0.29 0.04
C VAL A 52 10.86 1.14 -0.87
N VAL A 53 11.44 2.21 -1.43
CA VAL A 53 10.69 3.06 -2.35
C VAL A 53 10.79 2.47 -3.74
N VAL A 54 9.63 2.26 -4.36
CA VAL A 54 9.55 1.80 -5.74
C VAL A 54 9.22 3.01 -6.61
N CYS A 55 10.24 3.53 -7.30
CA CYS A 55 10.08 4.73 -8.12
C CYS A 55 11.06 4.73 -9.28
N ASP A 56 10.72 5.50 -10.31
CA ASP A 56 11.64 5.79 -11.41
C ASP A 56 12.91 6.41 -10.80
N PRO A 57 14.10 5.91 -11.21
CA PRO A 57 15.38 6.41 -10.68
C PRO A 57 15.48 7.95 -10.69
N PHE A 58 14.73 8.57 -11.60
CA PHE A 58 14.69 10.03 -11.75
C PHE A 58 14.21 10.74 -10.48
N PHE A 59 13.20 10.17 -9.82
CA PHE A 59 12.60 10.78 -8.63
C PHE A 59 13.21 10.29 -7.31
N ARG A 60 14.33 9.59 -7.38
CA ARG A 60 15.01 9.05 -6.19
C ARG A 60 15.44 10.15 -5.23
N ASP A 61 15.84 11.30 -5.78
CA ASP A 61 16.32 12.45 -5.01
C ASP A 61 15.30 12.94 -3.98
N ILE A 62 14.02 12.95 -4.36
CA ILE A 62 12.91 13.41 -3.51
C ILE A 62 13.00 12.78 -2.11
N PHE A 63 13.26 11.48 -2.07
CA PHE A 63 13.32 10.73 -0.82
C PHE A 63 14.73 10.70 -0.24
N GLU A 64 15.72 10.67 -1.13
CA GLU A 64 17.14 10.56 -0.75
C GLU A 64 17.61 11.72 0.14
N GLU A 65 17.07 12.90 -0.08
CA GLU A 65 17.43 14.10 0.70
C GLU A 65 17.24 13.92 2.21
N TYR A 66 16.29 13.06 2.60
CA TYR A 66 15.90 12.90 4.00
C TYR A 66 16.49 11.66 4.67
N GLU A 67 17.29 10.90 3.93
CA GLU A 67 17.83 9.62 4.40
C GLU A 67 18.53 9.70 5.76
N GLU A 68 19.29 10.77 5.98
CA GLU A 68 20.04 10.96 7.22
C GLU A 68 19.17 11.36 8.40
N SER A 69 18.07 12.06 8.11
CA SER A 69 17.18 12.58 9.16
C SER A 69 16.15 11.57 9.65
N ILE A 70 15.82 10.59 8.81
CA ILE A 70 14.80 9.59 9.13
C ILE A 70 15.38 8.44 9.96
N ASP A 71 14.52 7.79 10.75
CA ASP A 71 14.98 6.74 11.66
C ASP A 71 14.73 5.33 11.11
N VAL A 72 14.63 5.23 9.79
CA VAL A 72 14.51 3.93 9.11
C VAL A 72 15.59 3.77 8.04
N ASP A 73 15.85 2.54 7.63
CA ASP A 73 16.69 2.27 6.48
C ASP A 73 15.94 2.61 5.20
N LEU A 74 16.66 3.16 4.23
CA LEU A 74 16.07 3.47 2.93
C LEU A 74 16.66 2.58 1.85
N SER A 75 15.79 2.00 1.04
CA SER A 75 16.21 1.19 -0.11
C SER A 75 15.38 1.59 -1.33
N PHE A 76 15.87 1.21 -2.50
CA PHE A 76 15.20 1.54 -3.75
C PHE A 76 15.00 0.33 -4.63
N ALA A 77 13.88 0.33 -5.37
CA ALA A 77 13.58 -0.72 -6.34
C ALA A 77 12.95 -0.12 -7.59
N ILE A 78 13.12 -0.81 -8.71
CA ILE A 78 12.62 -0.36 -10.01
C ILE A 78 11.17 -0.80 -10.24
N PRO A 79 10.30 0.13 -10.69
CA PRO A 79 8.90 -0.20 -11.00
C PRO A 79 8.77 -1.23 -12.11
N GLY A 80 7.68 -1.99 -12.08
CA GLY A 80 7.39 -2.97 -13.12
C GLY A 80 6.25 -2.52 -14.02
N LYS A 81 5.85 -3.42 -14.92
CA LYS A 81 4.80 -3.16 -15.92
C LYS A 81 3.45 -2.81 -15.27
N GLU A 82 2.99 -3.64 -14.35
CA GLU A 82 1.79 -3.35 -13.55
C GLU A 82 2.09 -3.41 -12.05
N ARG A 83 1.07 -3.16 -11.24
CA ARG A 83 1.23 -2.98 -9.80
C ARG A 83 1.89 -4.17 -9.11
N GLN A 84 1.46 -5.40 -9.43
CA GLN A 84 2.02 -6.58 -8.78
C GLN A 84 3.50 -6.80 -9.08
N ASP A 85 3.94 -6.35 -10.27
CA ASP A 85 5.34 -6.41 -10.68
C ASP A 85 6.19 -5.45 -9.86
N SER A 86 5.65 -4.27 -9.58
CA SER A 86 6.31 -3.28 -8.74
C SER A 86 6.43 -3.76 -7.30
N VAL A 87 5.38 -4.43 -6.82
CA VAL A 87 5.41 -5.05 -5.49
C VAL A 87 6.50 -6.13 -5.43
N TYR A 88 6.56 -6.98 -6.46
CA TYR A 88 7.59 -8.04 -6.54
C TYR A 88 8.99 -7.45 -6.53
N SER A 89 9.18 -6.36 -7.28
CA SER A 89 10.47 -5.67 -7.34
C SER A 89 10.88 -5.16 -5.96
N GLY A 90 9.95 -4.50 -5.28
CA GLY A 90 10.17 -4.03 -3.90
C GLY A 90 10.49 -5.17 -2.94
N LEU A 91 9.77 -6.28 -3.09
CA LEU A 91 9.96 -7.46 -2.23
C LEU A 91 11.39 -8.00 -2.27
N GLN A 92 12.01 -7.97 -3.45
CA GLN A 92 13.38 -8.46 -3.62
C GLN A 92 14.41 -7.69 -2.80
N GLU A 93 14.00 -6.52 -2.29
CA GLU A 93 14.90 -5.61 -1.58
C GLU A 93 14.71 -5.61 -0.06
N ILE A 94 13.65 -6.24 0.44
CA ILE A 94 13.35 -6.19 1.88
C ILE A 94 14.36 -7.00 2.71
N ASP A 95 14.49 -6.59 3.97
CA ASP A 95 15.36 -7.25 4.94
C ASP A 95 15.00 -8.73 5.05
N VAL A 96 16.03 -9.58 5.12
CA VAL A 96 15.84 -11.03 5.19
C VAL A 96 15.06 -11.47 6.44
N ASN A 97 15.07 -10.63 7.48
CA ASN A 97 14.47 -10.97 8.77
C ASN A 97 13.18 -10.22 9.12
N SER A 98 12.68 -9.38 8.22
CA SER A 98 11.43 -8.67 8.49
C SER A 98 10.27 -9.65 8.62
N GLU A 99 9.35 -9.37 9.53
CA GLU A 99 8.24 -10.28 9.79
C GLU A 99 6.96 -9.85 9.08
N LEU A 100 6.99 -8.64 8.50
CA LEU A 100 5.79 -8.07 7.90
C LEU A 100 6.16 -7.15 6.73
N VAL A 101 5.43 -7.30 5.63
CA VAL A 101 5.57 -6.38 4.50
C VAL A 101 4.36 -5.45 4.49
N CYS A 102 4.62 -4.15 4.42
CA CYS A 102 3.54 -3.15 4.43
C CYS A 102 3.54 -2.41 3.10
N ILE A 103 2.61 -2.78 2.21
CA ILE A 103 2.52 -2.21 0.87
C ILE A 103 1.63 -0.97 0.88
N HIS A 104 2.16 0.15 0.41
CA HIS A 104 1.38 1.38 0.44
C HIS A 104 1.45 2.16 -0.88
N ASP A 105 0.28 2.58 -1.33
CA ASP A 105 0.15 3.46 -2.49
C ASP A 105 0.49 4.89 -2.05
N SER A 106 1.58 5.43 -2.59
CA SER A 106 2.03 6.78 -2.21
C SER A 106 1.03 7.88 -2.59
N ALA A 107 0.08 7.57 -3.47
CA ALA A 107 -1.00 8.50 -3.80
C ALA A 107 -2.02 8.60 -2.64
N ARG A 108 -1.71 7.93 -1.53
CA ARG A 108 -2.50 8.03 -0.32
C ARG A 108 -1.71 8.72 0.81
N PRO A 109 -1.67 10.07 0.83
CA PRO A 109 -0.86 10.84 1.80
C PRO A 109 -1.38 11.00 3.23
N LEU A 110 -2.69 10.89 3.42
CA LEU A 110 -3.29 11.30 4.71
C LEU A 110 -3.53 10.12 5.64
N VAL A 111 -2.98 8.95 5.31
CA VAL A 111 -3.09 7.78 6.20
C VAL A 111 -2.59 8.11 7.62
N ASN A 112 -3.42 7.84 8.62
CA ASN A 112 -3.11 8.16 10.03
C ASN A 112 -2.24 7.10 10.66
N THR A 113 -1.34 7.55 11.53
CA THR A 113 -0.45 6.64 12.26
C THR A 113 -1.26 5.57 13.00
N GLU A 114 -2.35 5.99 13.63
CA GLU A 114 -3.20 5.08 14.39
C GLU A 114 -3.79 3.98 13.51
N ASP A 115 -4.15 4.31 12.28
CA ASP A 115 -4.68 3.31 11.35
C ASP A 115 -3.62 2.38 10.79
N VAL A 116 -2.41 2.91 10.56
CA VAL A 116 -1.27 2.06 10.19
C VAL A 116 -0.97 1.09 11.34
N GLU A 117 -0.95 1.60 12.57
CA GLU A 117 -0.75 0.75 13.75
C GLU A 117 -1.78 -0.39 13.77
N LYS A 118 -3.03 -0.06 13.48
CA LYS A 118 -4.11 -1.04 13.49
C LYS A 118 -3.92 -2.17 12.46
N VAL A 119 -3.62 -1.80 11.22
CA VAL A 119 -3.46 -2.77 10.16
C VAL A 119 -2.17 -3.59 10.32
N LEU A 120 -1.12 -2.99 10.90
CA LEU A 120 0.08 -3.77 11.22
C LEU A 120 -0.21 -4.85 12.27
N LYS A 121 -0.94 -4.47 13.31
CA LYS A 121 -1.34 -5.37 14.37
C LYS A 121 -2.17 -6.54 13.81
N ASP A 122 -3.15 -6.21 12.97
CA ASP A 122 -4.03 -7.22 12.37
C ASP A 122 -3.28 -8.10 11.36
N GLY A 123 -2.32 -7.51 10.65
CA GLY A 123 -1.46 -8.25 9.73
C GLY A 123 -0.58 -9.25 10.48
N SER A 124 -0.01 -8.82 11.59
CA SER A 124 0.82 -9.69 12.43
C SER A 124 0.02 -10.88 13.00
N ALA A 125 -1.23 -10.62 13.34
CA ALA A 125 -2.11 -11.60 13.96
C ALA A 125 -2.65 -12.61 12.96
N VAL A 126 -3.08 -12.11 11.82
CA VAL A 126 -3.82 -12.90 10.83
C VAL A 126 -2.92 -13.42 9.71
N GLY A 127 -1.86 -12.67 9.40
CA GLY A 127 -0.95 -13.02 8.31
C GLY A 127 -1.13 -12.09 7.13
N ALA A 128 -2.34 -11.55 6.99
CA ALA A 128 -2.66 -10.57 5.95
C ALA A 128 -3.79 -9.67 6.42
N ALA A 129 -3.61 -8.37 6.26
CA ALA A 129 -4.65 -7.40 6.60
C ALA A 129 -4.59 -6.18 5.68
N VAL A 130 -5.75 -5.57 5.45
CA VAL A 130 -5.86 -4.41 4.57
C VAL A 130 -6.76 -3.39 5.26
N LEU A 131 -6.42 -2.12 5.15
CA LEU A 131 -7.31 -1.06 5.63
C LEU A 131 -8.50 -0.91 4.70
N GLY A 132 -9.68 -0.84 5.27
CA GLY A 132 -10.90 -0.64 4.49
C GLY A 132 -11.93 0.18 5.23
N VAL A 133 -12.89 0.72 4.49
CA VAL A 133 -14.02 1.45 5.07
C VAL A 133 -15.31 0.92 4.43
N PRO A 134 -16.45 1.00 5.17
CA PRO A 134 -17.70 0.57 4.54
C PRO A 134 -18.00 1.38 3.28
N ALA A 135 -18.40 0.71 2.21
CA ALA A 135 -18.75 1.40 0.97
C ALA A 135 -19.98 2.27 1.22
N LYS A 136 -19.86 3.57 0.96
CA LYS A 136 -20.94 4.52 1.19
C LYS A 136 -22.00 4.47 0.10
N ALA A 137 -21.56 4.23 -1.13
CA ALA A 137 -22.47 4.13 -2.28
C ALA A 137 -23.35 2.89 -2.19
N THR A 138 -24.51 2.95 -2.87
CA THR A 138 -25.35 1.79 -3.06
C THR A 138 -24.76 0.98 -4.20
N ILE A 139 -24.28 -0.23 -3.87
CA ILE A 139 -23.60 -1.10 -4.81
C ILE A 139 -24.41 -2.38 -5.04
N LYS A 140 -24.54 -2.77 -6.30
CA LYS A 140 -25.23 -4.01 -6.67
C LYS A 140 -24.36 -4.85 -7.57
N GLU A 141 -24.52 -6.16 -7.46
CA GLU A 141 -23.92 -7.09 -8.41
C GLU A 141 -24.81 -7.13 -9.65
N VAL A 142 -24.17 -7.06 -10.82
CA VAL A 142 -24.87 -7.02 -12.10
C VAL A 142 -24.35 -8.13 -13.00
N ASN A 143 -25.25 -8.95 -13.54
CA ASN A 143 -24.85 -10.05 -14.42
C ASN A 143 -24.55 -9.57 -15.85
N SER A 144 -24.24 -10.51 -16.74
CA SER A 144 -23.86 -10.20 -18.12
C SER A 144 -25.00 -9.64 -18.97
N ASP A 145 -26.24 -9.83 -18.51
CA ASP A 145 -27.41 -9.28 -19.19
C ASP A 145 -27.82 -7.92 -18.64
N SER A 146 -26.93 -7.32 -17.86
CA SER A 146 -27.11 -5.99 -17.24
C SER A 146 -28.28 -5.95 -16.24
N LEU A 147 -28.59 -7.11 -15.66
CA LEU A 147 -29.65 -7.22 -14.66
C LEU A 147 -29.06 -7.32 -13.26
N VAL A 148 -29.70 -6.66 -12.31
CA VAL A 148 -29.33 -6.75 -10.90
C VAL A 148 -29.41 -8.21 -10.43
N VAL A 149 -28.36 -8.67 -9.77
CA VAL A 149 -28.33 -10.00 -9.14
C VAL A 149 -28.78 -9.81 -7.69
N LYS A 150 -30.00 -10.25 -7.39
CA LYS A 150 -30.62 -10.00 -6.09
C LYS A 150 -30.27 -11.05 -5.05
N THR A 156 -21.93 -7.55 3.54
CA THR A 156 -21.50 -6.16 3.71
C THR A 156 -20.27 -5.87 2.84
N LEU A 157 -20.33 -4.76 2.11
CA LEU A 157 -19.30 -4.41 1.15
C LEU A 157 -18.37 -3.31 1.66
N TRP A 158 -17.07 -3.51 1.45
CA TRP A 158 -16.07 -2.58 1.94
C TRP A 158 -15.20 -2.06 0.80
N GLU A 159 -14.83 -0.78 0.86
CA GLU A 159 -13.86 -0.19 -0.06
C GLU A 159 -12.46 -0.40 0.49
N MET A 160 -11.58 -1.01 -0.31
CA MET A 160 -10.20 -1.27 0.09
C MET A 160 -9.32 -0.04 -0.05
N GLN A 161 -8.45 0.18 0.93
CA GLN A 161 -7.45 1.24 0.85
C GLN A 161 -6.07 0.57 0.92
N THR A 162 -5.04 1.37 1.23
CA THR A 162 -3.73 0.84 1.62
C THR A 162 -3.32 1.59 2.91
N PRO A 163 -2.40 1.03 3.71
CA PRO A 163 -1.60 -0.20 3.55
C PRO A 163 -2.36 -1.51 3.35
N GLN A 164 -1.69 -2.42 2.64
CA GLN A 164 -2.04 -3.83 2.59
C GLN A 164 -0.81 -4.55 3.17
N VAL A 165 -1.04 -5.24 4.28
CA VAL A 165 0.01 -5.77 5.14
C VAL A 165 -0.01 -7.30 5.02
N ILE A 166 1.16 -7.89 4.75
CA ILE A 166 1.23 -9.32 4.54
C ILE A 166 2.58 -9.85 5.02
N LYS A 167 2.57 -11.05 5.60
CA LYS A 167 3.82 -11.70 5.98
C LYS A 167 4.61 -12.07 4.73
N PRO A 168 5.94 -11.87 4.75
CA PRO A 168 6.74 -12.07 3.53
C PRO A 168 6.65 -13.50 2.95
N GLU A 169 6.62 -14.51 3.82
CA GLU A 169 6.52 -15.92 3.36
C GLU A 169 5.24 -16.14 2.55
N LEU A 170 4.14 -15.58 3.04
CA LEU A 170 2.84 -15.68 2.38
C LEU A 170 2.85 -14.95 1.04
N LEU A 171 3.43 -13.75 1.01
CA LEU A 171 3.54 -13.00 -0.24
C LEU A 171 4.37 -13.74 -1.28
N LYS A 172 5.51 -14.31 -0.84
CA LYS A 172 6.39 -15.08 -1.73
C LYS A 172 5.70 -16.32 -2.29
N LYS A 173 4.98 -17.05 -1.42
CA LYS A 173 4.20 -18.21 -1.83
C LYS A 173 3.14 -17.82 -2.87
N GLY A 174 2.50 -16.68 -2.64
CA GLY A 174 1.50 -16.14 -3.53
C GLY A 174 2.02 -15.82 -4.93
N PHE A 175 3.19 -15.21 -4.98
CA PHE A 175 3.88 -14.96 -6.26
C PHE A 175 4.27 -16.26 -6.96
N GLU A 176 4.75 -17.24 -6.18
CA GLU A 176 5.13 -18.56 -6.69
C GLU A 176 3.93 -19.32 -7.27
N LEU A 177 2.78 -19.21 -6.60
CA LEU A 177 1.55 -19.86 -7.04
C LEU A 177 1.04 -19.30 -8.36
N VAL A 178 1.12 -17.98 -8.51
CA VAL A 178 0.66 -17.29 -9.72
C VAL A 178 1.57 -17.60 -10.92
N LYS A 179 2.88 -17.63 -10.69
CA LYS A 179 3.86 -17.85 -11.75
C LYS A 179 3.83 -19.29 -12.29
N SER A 180 3.81 -20.27 -11.39
CA SER A 180 3.87 -21.68 -11.77
C SER A 180 2.57 -22.18 -12.42
N GLU A 181 1.46 -21.53 -12.12
CA GLU A 181 0.16 -21.90 -12.69
C GLU A 181 -0.33 -20.95 -13.79
N GLY A 182 0.37 -19.83 -13.95
CA GLY A 182 0.02 -18.83 -14.97
C GLY A 182 -1.29 -18.12 -14.71
N LEU A 183 -1.60 -17.90 -13.44
CA LEU A 183 -2.85 -17.25 -13.03
C LEU A 183 -2.88 -15.77 -13.38
N GLU A 184 -4.07 -15.28 -13.76
CA GLU A 184 -4.26 -13.88 -14.12
C GLU A 184 -4.48 -13.02 -12.87
N VAL A 185 -3.67 -11.98 -12.73
CA VAL A 185 -3.78 -11.05 -11.60
C VAL A 185 -4.36 -9.72 -12.08
N THR A 186 -5.43 -9.30 -11.41
CA THR A 186 -6.01 -7.97 -11.61
C THR A 186 -6.04 -7.26 -10.26
N ASP A 187 -6.46 -5.99 -10.26
CA ASP A 187 -6.59 -5.23 -9.03
C ASP A 187 -7.62 -5.84 -8.08
N ASP A 188 -8.69 -6.40 -8.65
CA ASP A 188 -9.73 -7.08 -7.89
C ASP A 188 -9.36 -8.51 -7.51
N VAL A 189 -8.79 -9.24 -8.46
CA VAL A 189 -8.33 -10.62 -8.22
C VAL A 189 -6.83 -10.59 -8.01
N SER A 190 -6.41 -10.12 -6.83
CA SER A 190 -5.00 -9.97 -6.52
C SER A 190 -4.38 -11.29 -6.06
N ILE A 191 -3.08 -11.25 -5.79
CA ILE A 191 -2.34 -12.42 -5.28
C ILE A 191 -3.10 -13.14 -4.18
N VAL A 192 -3.51 -12.40 -3.15
CA VAL A 192 -4.15 -12.99 -1.95
C VAL A 192 -5.48 -13.69 -2.22
N GLU A 193 -6.18 -13.27 -3.28
CA GLU A 193 -7.46 -13.88 -3.66
C GLU A 193 -7.32 -15.35 -4.02
N TYR A 194 -6.13 -15.74 -4.49
CA TYR A 194 -5.84 -17.11 -4.87
C TYR A 194 -5.42 -18.00 -3.71
N LEU A 195 -4.95 -17.37 -2.63
CA LEU A 195 -4.53 -18.11 -1.44
C LEU A 195 -5.72 -18.48 -0.56
N LYS A 196 -5.58 -19.56 0.19
CA LYS A 196 -6.62 -20.00 1.13
C LYS A 196 -6.46 -19.31 2.49
N HIS A 197 -5.36 -18.58 2.64
CA HIS A 197 -5.06 -17.88 3.87
C HIS A 197 -5.97 -16.66 4.04
N PRO A 198 -6.53 -16.46 5.24
CA PRO A 198 -7.49 -15.37 5.47
C PRO A 198 -6.88 -13.96 5.34
N VAL A 199 -7.71 -13.02 4.87
CA VAL A 199 -7.32 -11.62 4.80
C VAL A 199 -8.28 -10.81 5.68
N TYR A 200 -7.71 -10.13 6.68
CA TYR A 200 -8.49 -9.32 7.61
C TYR A 200 -8.68 -7.89 7.11
N VAL A 201 -9.90 -7.36 7.27
CA VAL A 201 -10.18 -5.97 6.92
C VAL A 201 -10.17 -5.10 8.18
N SER A 202 -9.11 -4.33 8.35
CA SER A 202 -8.97 -3.41 9.48
C SER A 202 -9.76 -2.15 9.15
N GLN A 203 -10.62 -1.72 10.08
CA GLN A 203 -11.45 -0.54 9.78
C GLN A 203 -10.67 0.76 9.83
N GLY A 204 -10.57 1.41 8.66
CA GLY A 204 -9.80 2.64 8.53
C GLY A 204 -10.66 3.89 8.62
N SER A 205 -10.12 4.98 8.07
CA SER A 205 -10.83 6.27 8.07
C SER A 205 -11.17 6.69 6.65
N TYR A 206 -12.31 7.35 6.50
CA TYR A 206 -12.71 7.89 5.20
C TYR A 206 -11.75 8.96 4.68
N THR A 207 -10.96 9.54 5.58
CA THR A 207 -9.98 10.57 5.21
C THR A 207 -8.79 10.02 4.42
N ASN A 208 -8.63 8.68 4.42
CA ASN A 208 -7.55 8.02 3.68
C ASN A 208 -7.83 7.89 2.18
N ILE A 209 -8.06 9.03 1.55
CA ILE A 209 -8.40 9.10 0.12
C ILE A 209 -7.18 9.00 -0.79
N LYS A 210 -7.40 8.54 -2.03
CA LYS A 210 -6.38 8.56 -3.06
C LYS A 210 -6.43 9.94 -3.75
N VAL A 211 -5.34 10.70 -3.64
CA VAL A 211 -5.27 12.07 -4.14
C VAL A 211 -4.62 12.12 -5.53
N THR A 212 -5.46 12.31 -6.55
CA THR A 212 -5.01 12.34 -7.94
C THR A 212 -5.56 13.54 -8.72
N THR A 213 -6.89 13.72 -8.68
CA THR A 213 -7.56 14.81 -9.40
C THR A 213 -7.47 16.12 -8.60
N PRO A 214 -7.59 17.28 -9.29
CA PRO A 214 -7.62 18.58 -8.61
C PRO A 214 -8.71 18.67 -7.52
N ASP A 215 -9.84 18.00 -7.75
CA ASP A 215 -10.92 17.91 -6.77
C ASP A 215 -10.47 17.21 -5.49
N ASP A 216 -9.63 16.19 -5.65
CA ASP A 216 -9.09 15.43 -4.52
C ASP A 216 -8.03 16.21 -3.72
N LEU A 217 -7.28 17.06 -4.42
CA LEU A 217 -6.17 17.81 -3.81
C LEU A 217 -6.61 18.92 -2.85
N LEU A 218 -7.70 19.59 -3.17
CA LEU A 218 -8.26 20.64 -2.30
C LEU A 218 -8.87 20.05 -1.02
N LEU A 219 -9.38 18.82 -1.14
CA LEU A 219 -9.90 18.08 0.01
C LEU A 219 -8.79 17.74 0.99
N ALA A 220 -7.63 17.37 0.46
CA ALA A 220 -6.46 17.01 1.28
C ALA A 220 -6.00 18.15 2.19
N GLU A 221 -6.02 19.38 1.65
CA GLU A 221 -5.67 20.57 2.42
C GLU A 221 -6.62 20.79 3.59
N ARG A 222 -7.92 20.59 3.33
CA ARG A 222 -8.96 20.71 4.34
C ARG A 222 -8.76 19.72 5.49
N ILE A 223 -8.40 18.48 5.13
CA ILE A 223 -8.12 17.42 6.10
C ILE A 223 -6.84 17.73 6.88
N LEU A 224 -5.82 18.26 6.19
CA LEU A 224 -4.61 18.74 6.85
C LEU A 224 -4.84 20.10 7.50
#